data_6VHV
#
_entry.id   6VHV
#
_cell.length_a   74.689
_cell.length_b   87.817
_cell.length_c   165.778
_cell.angle_alpha   90.000
_cell.angle_beta   90.000
_cell.angle_gamma   90.000
#
_symmetry.space_group_name_H-M   'I 2 2 2'
#
loop_
_entity.id
_entity.type
_entity.pdbx_description
1 polymer 'NpsA Adenylation Domain'
2 non-polymer "5'-{[(2-amino-3-hydroxybenzene-1-carbonyl)sulfamoyl]amino}-5'-deoxyadenosine"
3 water water
#
_entity_poly.entity_id   1
_entity_poly.type   'polypeptide(L)'
_entity_poly.pdbx_seq_one_letter_code
;GHMTHSAYVYQLKAVPDIFDEISQRFPDRVALIFDQRKITYRELAEQCSALAAVLQNNCLIKGDIVAIKIERSPELYIFM
LALMKIGAVMVPVNSNSPERYIGEVLSAAGARYLISDDVTSVPGGAWHVLSSRTLIQNCTQQRSGNYPVLSADDPALILM
TSGSTGKPKSVLIAHRGIARLGLPVPALGNSERDCYLQIADISFAASANEIWMALLTGACLTIAPPGLPDLMALARQIES
DNVTMLFLSGGLFRLFVEVSVETLHIPDCVVVSGDFVNPRLFSVAVQAGKAKIFNGLGCTENSAISSLYHIQSAAALSSE
SPVPVGTPLPLVEMVVFNERLQPCTCGEYGELFIAGAGVALGYSDPQLTAERFITIPYQGTDMLFYRTDDRATYDQDRNI
VLVGRGNHICKIRGFRINIAGIEHLLRLHHAVEDVLIVVEETPDEPRLHACYVTQDDGLSVADLKNHLAMHAPAWMIPEK
FSRLAVLPMTANGKKDRLRLKNSLLEQV
;
_entity_poly.pdbx_strand_id   A
#
# COMPACT_ATOMS: atom_id res chain seq x y z
N GLN A 11 -13.46 -22.17 1.36
CA GLN A 11 -13.28 -20.94 2.11
C GLN A 11 -11.89 -20.89 2.74
N LEU A 12 -11.38 -19.68 2.96
CA LEU A 12 -10.05 -19.49 3.52
C LEU A 12 -10.02 -19.79 5.02
N LYS A 13 -8.81 -19.97 5.54
CA LYS A 13 -8.58 -20.15 6.96
C LYS A 13 -8.15 -18.83 7.58
N ALA A 14 -7.93 -18.85 8.88
CA ALA A 14 -7.41 -17.67 9.56
C ALA A 14 -5.90 -17.57 9.35
N VAL A 15 -5.36 -16.37 9.62
CA VAL A 15 -3.92 -16.15 9.46
C VAL A 15 -3.10 -17.08 10.35
N PRO A 16 -3.37 -17.21 11.65
CA PRO A 16 -2.58 -18.16 12.46
C PRO A 16 -2.76 -19.61 12.05
N ASP A 17 -3.88 -19.96 11.39
CA ASP A 17 -4.03 -21.32 10.90
C ASP A 17 -3.14 -21.58 9.71
N ILE A 18 -3.06 -20.63 8.77
CA ILE A 18 -2.16 -20.78 7.62
C ILE A 18 -0.72 -20.78 8.09
N PHE A 19 -0.40 -19.96 9.09
CA PHE A 19 0.97 -19.87 9.57
C PHE A 19 1.40 -21.17 10.24
N ASP A 20 0.54 -21.76 11.09
CA ASP A 20 0.89 -23.01 11.75
C ASP A 20 1.05 -24.14 10.73
N GLU A 21 0.23 -24.12 9.66
CA GLU A 21 0.39 -25.11 8.60
C GLU A 21 1.69 -24.91 7.84
N ILE A 22 2.09 -23.64 7.65
CA ILE A 22 3.38 -23.36 7.03
C ILE A 22 4.53 -23.69 7.98
N SER A 23 4.34 -23.41 9.27
CA SER A 23 5.42 -23.63 10.24
C SER A 23 5.79 -25.10 10.37
N GLN A 24 4.83 -26.00 10.23
CA GLN A 24 5.09 -27.43 10.28
C GLN A 24 5.47 -28.02 8.93
N ARG A 25 5.24 -27.28 7.84
CA ARG A 25 5.60 -27.74 6.50
C ARG A 25 6.99 -27.30 6.10
N PHE A 26 7.40 -26.08 6.45
CA PHE A 26 8.73 -25.55 6.18
C PHE A 26 9.37 -25.12 7.50
N PRO A 27 9.67 -26.06 8.39
CA PRO A 27 10.15 -25.66 9.73
C PRO A 27 11.58 -25.15 9.73
N ASP A 28 12.41 -25.59 8.78
CA ASP A 28 13.81 -25.19 8.75
C ASP A 28 14.09 -24.10 7.72
N ARG A 29 13.07 -23.59 7.04
CA ARG A 29 13.26 -22.47 6.13
C ARG A 29 13.34 -21.16 6.92
N VAL A 30 14.00 -20.18 6.32
CA VAL A 30 14.20 -18.89 6.97
C VAL A 30 12.93 -18.06 6.84
N ALA A 31 12.54 -17.40 7.93
CA ALA A 31 11.35 -16.57 7.98
C ALA A 31 11.65 -15.09 8.16
N LEU A 32 12.57 -14.74 9.06
CA LEU A 32 12.92 -13.35 9.33
C LEU A 32 14.43 -13.19 9.29
N ILE A 33 14.88 -12.07 8.71
CA ILE A 33 16.29 -11.69 8.72
C ILE A 33 16.37 -10.26 9.21
N PHE A 34 17.03 -10.06 10.35
CA PHE A 34 17.27 -8.72 10.89
C PHE A 34 18.77 -8.57 11.12
N ASP A 35 19.34 -7.50 10.58
CA ASP A 35 20.79 -7.30 10.58
C ASP A 35 21.47 -8.50 9.93
N GLN A 36 22.19 -9.28 10.72
CA GLN A 36 22.78 -10.53 10.26
C GLN A 36 22.07 -11.76 10.80
N ARG A 37 21.23 -11.60 11.80
CA ARG A 37 20.55 -12.73 12.45
C ARG A 37 19.41 -13.25 11.58
N LYS A 38 19.30 -14.57 11.50
CA LYS A 38 18.23 -15.24 10.78
C LYS A 38 17.43 -16.10 11.75
N ILE A 39 16.10 -16.09 11.58
CA ILE A 39 15.19 -16.84 12.42
C ILE A 39 14.38 -17.79 11.56
N THR A 40 14.37 -19.07 11.93
CA THR A 40 13.65 -20.08 11.16
C THR A 40 12.16 -20.06 11.51
N TYR A 41 11.38 -20.75 10.69
CA TYR A 41 9.95 -20.87 10.95
C TYR A 41 9.65 -21.67 12.22
N ARG A 42 10.58 -22.51 12.67
CA ARG A 42 10.35 -23.25 13.91
C ARG A 42 10.56 -22.35 15.13
N GLU A 43 11.64 -21.57 15.12
CA GLU A 43 11.86 -20.63 16.23
C GLU A 43 10.76 -19.57 16.26
N LEU A 44 10.33 -19.10 15.10
CA LEU A 44 9.27 -18.10 15.05
C LEU A 44 7.96 -18.67 15.57
N ALA A 45 7.68 -19.94 15.30
CA ALA A 45 6.45 -20.55 15.78
C ALA A 45 6.49 -20.79 17.29
N GLU A 46 7.67 -21.07 17.84
CA GLU A 46 7.78 -21.30 19.28
C GLU A 46 7.61 -19.99 20.06
N GLN A 47 8.28 -18.93 19.61
CA GLN A 47 8.14 -17.64 20.28
C GLN A 47 6.72 -17.10 20.12
N CYS A 48 6.10 -17.33 18.97
CA CYS A 48 4.71 -16.92 18.77
C CYS A 48 3.77 -17.68 19.69
N SER A 49 3.99 -18.99 19.85
CA SER A 49 3.13 -19.78 20.72
C SER A 49 3.32 -19.39 22.18
N ALA A 50 4.55 -19.06 22.58
CA ALA A 50 4.81 -18.66 23.96
C ALA A 50 4.23 -17.29 24.25
N LEU A 51 4.42 -16.34 23.33
CA LEU A 51 3.89 -14.99 23.55
C LEU A 51 2.37 -14.97 23.54
N ALA A 52 1.74 -15.86 22.76
CA ALA A 52 0.28 -15.90 22.71
C ALA A 52 -0.30 -16.31 24.05
N ALA A 53 0.38 -17.21 24.77
CA ALA A 53 -0.08 -17.60 26.10
C ALA A 53 0.17 -16.50 27.12
N VAL A 54 1.23 -15.72 26.95
CA VAL A 54 1.49 -14.61 27.86
C VAL A 54 0.45 -13.52 27.70
N LEU A 55 0.07 -13.22 26.46
CA LEU A 55 -0.94 -12.19 26.20
C LEU A 55 -2.29 -12.60 26.76
N GLN A 56 -2.62 -13.88 26.69
CA GLN A 56 -3.85 -14.37 27.30
C GLN A 56 -3.82 -14.22 28.82
N ASN A 57 -2.64 -14.38 29.42
CA ASN A 57 -2.50 -14.19 30.86
C ASN A 57 -2.55 -12.72 31.27
N ASN A 58 -2.61 -11.80 30.31
CA ASN A 58 -2.92 -10.40 30.58
C ASN A 58 -4.37 -10.08 30.25
N CYS A 59 -5.21 -11.10 30.09
CA CYS A 59 -6.64 -10.95 29.83
C CYS A 59 -6.92 -10.27 28.49
N LEU A 60 -6.08 -10.57 27.50
CA LEU A 60 -6.33 -10.17 26.12
C LEU A 60 -7.06 -11.31 25.42
N ILE A 61 -8.31 -11.07 25.03
CA ILE A 61 -9.16 -12.12 24.50
C ILE A 61 -9.57 -11.78 23.06
N LYS A 62 -10.24 -12.74 22.43
CA LYS A 62 -10.67 -12.58 21.04
C LYS A 62 -11.63 -11.41 20.90
N GLY A 63 -11.33 -10.53 19.95
CA GLY A 63 -12.13 -9.35 19.69
C GLY A 63 -11.57 -8.06 20.26
N ASP A 64 -10.61 -8.16 21.18
CA ASP A 64 -10.02 -6.96 21.75
C ASP A 64 -9.20 -6.21 20.71
N ILE A 65 -9.10 -4.90 20.88
CA ILE A 65 -8.38 -4.02 19.98
C ILE A 65 -7.08 -3.62 20.67
N VAL A 66 -5.95 -4.03 20.10
CA VAL A 66 -4.63 -3.82 20.69
C VAL A 66 -3.78 -3.06 19.68
N ALA A 67 -3.27 -1.91 20.09
CA ALA A 67 -2.39 -1.11 19.23
C ALA A 67 -0.95 -1.60 19.35
N ILE A 68 -0.18 -1.38 18.29
CA ILE A 68 1.19 -1.85 18.20
C ILE A 68 2.07 -0.68 17.78
N LYS A 69 3.06 -0.35 18.62
CA LYS A 69 4.05 0.69 18.34
C LYS A 69 5.43 0.11 18.67
N ILE A 70 6.01 -0.63 17.72
CA ILE A 70 7.32 -1.23 17.87
C ILE A 70 8.11 -0.98 16.59
N GLU A 71 9.36 -0.53 16.75
CA GLU A 71 10.21 -0.31 15.59
C GLU A 71 10.51 -1.62 14.89
N ARG A 72 11.06 -1.52 13.67
CA ARG A 72 11.38 -2.71 12.88
C ARG A 72 12.32 -3.62 13.66
N SER A 73 11.80 -4.74 14.13
CA SER A 73 12.51 -5.65 15.01
C SER A 73 11.94 -7.04 14.82
N PRO A 74 12.71 -8.08 15.14
CA PRO A 74 12.11 -9.43 15.15
C PRO A 74 10.92 -9.54 16.08
N GLU A 75 10.89 -8.78 17.18
CA GLU A 75 9.77 -8.85 18.11
C GLU A 75 8.50 -8.27 17.51
N LEU A 76 8.62 -7.31 16.59
CA LEU A 76 7.44 -6.68 16.02
C LEU A 76 6.55 -7.70 15.33
N TYR A 77 7.14 -8.60 14.54
CA TYR A 77 6.37 -9.58 13.79
C TYR A 77 5.96 -10.78 14.65
N ILE A 78 6.66 -11.02 15.76
CA ILE A 78 6.20 -12.04 16.70
C ILE A 78 4.96 -11.56 17.43
N PHE A 79 4.93 -10.27 17.81
CA PHE A 79 3.75 -9.71 18.45
C PHE A 79 2.55 -9.72 17.50
N MET A 80 2.80 -9.55 16.20
CA MET A 80 1.71 -9.63 15.24
C MET A 80 1.11 -11.04 15.20
N LEU A 81 2.00 -12.01 14.98
CA LEU A 81 1.59 -13.43 14.90
C LEU A 81 1.05 -13.84 16.27
N ALA A 82 1.58 -13.25 17.34
CA ALA A 82 1.11 -13.63 18.68
C ALA A 82 -0.33 -13.20 18.91
N LEU A 83 -0.62 -11.98 18.52
CA LEU A 83 -1.95 -11.35 18.68
C LEU A 83 -3.00 -12.06 17.87
N MET A 84 -2.81 -12.16 16.56
CA MET A 84 -3.81 -12.82 15.69
C MET A 84 -4.15 -14.18 16.24
N LYS A 85 -3.15 -14.87 16.80
CA LYS A 85 -3.37 -16.24 17.37
C LYS A 85 -4.46 -16.18 18.45
N ILE A 86 -4.43 -15.16 19.30
CA ILE A 86 -5.42 -15.05 20.40
C ILE A 86 -6.67 -14.38 19.88
N GLY A 87 -6.70 -14.06 18.61
CA GLY A 87 -7.91 -13.49 18.04
C GLY A 87 -8.08 -12.00 18.27
N ALA A 88 -7.01 -11.29 18.59
CA ALA A 88 -7.10 -9.85 18.81
C ALA A 88 -7.08 -9.11 17.48
N VAL A 89 -7.44 -7.83 17.53
CA VAL A 89 -7.46 -6.95 16.37
C VAL A 89 -6.39 -5.89 16.58
N MET A 90 -5.33 -5.94 15.78
CA MET A 90 -4.18 -5.08 15.99
C MET A 90 -4.30 -3.77 15.21
N VAL A 91 -3.78 -2.70 15.79
CA VAL A 91 -3.77 -1.39 15.16
C VAL A 91 -2.33 -0.89 15.11
N PRO A 92 -1.61 -1.11 14.01
CA PRO A 92 -0.21 -0.68 13.94
C PRO A 92 -0.09 0.83 13.74
N VAL A 93 0.88 1.43 14.44
CA VAL A 93 1.19 2.84 14.28
C VAL A 93 2.69 2.99 14.10
N ASN A 94 3.08 3.92 13.23
CA ASN A 94 4.50 4.12 12.95
C ASN A 94 5.20 4.69 14.18
N SER A 95 6.30 4.04 14.58
CA SER A 95 7.03 4.48 15.76
C SER A 95 7.72 5.82 15.53
N ASN A 96 7.89 6.25 14.29
CA ASN A 96 8.48 7.54 13.96
C ASN A 96 7.45 8.65 13.85
N SER A 97 6.18 8.35 14.11
CA SER A 97 5.11 9.35 13.97
C SER A 97 5.03 10.21 15.22
N PRO A 98 4.61 11.47 15.08
CA PRO A 98 4.47 12.34 16.25
C PRO A 98 3.31 11.92 17.13
N GLU A 99 3.35 12.39 18.38
CA GLU A 99 2.36 12.00 19.37
C GLU A 99 0.99 12.62 19.11
N ARG A 100 0.91 13.67 18.28
CA ARG A 100 -0.40 14.20 17.92
C ARG A 100 -1.17 13.23 17.04
N TYR A 101 -0.48 12.59 16.09
CA TYR A 101 -1.14 11.65 15.19
C TYR A 101 -1.50 10.36 15.91
N ILE A 102 -0.75 9.98 16.93
CA ILE A 102 -1.06 8.76 17.67
C ILE A 102 -2.38 8.91 18.42
N GLY A 103 -2.62 10.08 19.00
CA GLY A 103 -3.88 10.30 19.70
C GLY A 103 -5.08 10.19 18.79
N GLU A 104 -4.95 10.64 17.54
CA GLU A 104 -6.04 10.55 16.59
C GLU A 104 -6.31 9.09 16.20
N VAL A 105 -5.25 8.33 15.92
CA VAL A 105 -5.41 6.96 15.46
C VAL A 105 -5.96 6.08 16.57
N LEU A 106 -5.45 6.23 17.79
CA LEU A 106 -5.94 5.43 18.91
C LEU A 106 -7.40 5.75 19.22
N SER A 107 -7.83 6.98 18.98
CA SER A 107 -9.23 7.34 19.19
C SER A 107 -10.09 6.78 18.06
N ALA A 108 -9.65 6.94 16.82
CA ALA A 108 -10.44 6.47 15.67
C ALA A 108 -10.54 4.95 15.63
N ALA A 109 -9.53 4.26 16.18
CA ALA A 109 -9.54 2.81 16.19
C ALA A 109 -10.20 2.22 17.44
N GLY A 110 -10.42 3.03 18.47
CA GLY A 110 -10.99 2.50 19.70
C GLY A 110 -10.11 1.47 20.38
N ALA A 111 -8.79 1.68 20.35
CA ALA A 111 -7.86 0.71 20.91
C ALA A 111 -8.02 0.63 22.41
N ARG A 112 -8.26 -0.57 22.93
CA ARG A 112 -8.36 -0.80 24.36
C ARG A 112 -7.00 -1.03 25.02
N TYR A 113 -5.97 -1.31 24.23
CA TYR A 113 -4.63 -1.54 24.76
C TYR A 113 -3.59 -0.97 23.79
N LEU A 114 -2.38 -0.82 24.29
CA LEU A 114 -1.24 -0.41 23.47
C LEU A 114 0.00 -1.15 23.96
N ILE A 115 0.70 -1.79 23.02
CA ILE A 115 1.96 -2.48 23.31
C ILE A 115 3.07 -1.74 22.58
N SER A 116 4.11 -1.35 23.32
CA SER A 116 5.16 -0.53 22.75
C SER A 116 6.51 -0.89 23.35
N ASP A 117 7.57 -0.59 22.61
CA ASP A 117 8.94 -0.68 23.10
C ASP A 117 9.42 0.65 23.70
N ASP A 118 8.70 1.74 23.45
CA ASP A 118 8.98 3.06 24.03
C ASP A 118 7.65 3.56 24.58
N VAL A 119 7.35 3.20 25.84
CA VAL A 119 6.02 3.41 26.41
C VAL A 119 5.78 4.82 26.89
N THR A 120 6.79 5.70 26.86
CA THR A 120 6.63 7.05 27.38
C THR A 120 6.31 8.09 26.31
N SER A 121 6.71 7.84 25.06
CA SER A 121 6.47 8.78 23.95
C SER A 121 5.06 8.66 23.38
N VAL A 122 4.07 8.35 24.21
CA VAL A 122 2.70 8.16 23.76
C VAL A 122 1.76 9.04 24.57
N PRO A 123 0.63 9.48 24.02
CA PRO A 123 -0.31 10.28 24.79
C PRO A 123 -1.14 9.42 25.75
N GLY A 124 -1.72 10.10 26.74
CA GLY A 124 -2.59 9.42 27.68
C GLY A 124 -4.00 9.30 27.15
N GLY A 125 -4.70 8.26 27.59
CA GLY A 125 -6.06 8.03 27.15
C GLY A 125 -6.64 6.81 27.80
N ALA A 126 -7.76 6.34 27.23
CA ALA A 126 -8.47 5.18 27.77
C ALA A 126 -7.78 3.86 27.47
N TRP A 127 -6.70 3.87 26.68
CA TRP A 127 -5.97 2.66 26.33
C TRP A 127 -4.91 2.35 27.37
N HIS A 128 -4.83 1.07 27.75
CA HIS A 128 -3.77 0.62 28.64
C HIS A 128 -2.46 0.50 27.86
N VAL A 129 -1.36 0.87 28.52
CA VAL A 129 -0.04 0.82 27.92
C VAL A 129 0.73 -0.34 28.53
N LEU A 130 1.28 -1.20 27.68
CA LEU A 130 2.09 -2.33 28.11
C LEU A 130 3.44 -2.28 27.42
N SER A 131 4.46 -2.78 28.11
CA SER A 131 5.82 -2.78 27.60
C SER A 131 6.12 -4.10 26.90
N SER A 132 6.39 -4.03 25.60
CA SER A 132 6.85 -5.22 24.88
C SER A 132 8.19 -5.71 25.43
N ARG A 133 9.04 -4.79 25.90
CA ARG A 133 10.27 -5.18 26.56
C ARG A 133 10.02 -6.00 27.82
N THR A 134 8.84 -5.85 28.43
CA THR A 134 8.47 -6.62 29.61
C THR A 134 7.74 -7.91 29.24
N LEU A 135 6.83 -7.84 28.27
CA LEU A 135 6.06 -9.03 27.89
C LEU A 135 6.95 -10.14 27.36
N ILE A 136 8.06 -9.79 26.71
CA ILE A 136 8.98 -10.81 26.23
C ILE A 136 9.71 -11.47 27.39
N GLN A 137 9.96 -10.71 28.46
CA GLN A 137 10.64 -11.28 29.63
C GLN A 137 9.83 -12.42 30.24
N ASN A 138 8.51 -12.29 30.27
CA ASN A 138 7.64 -13.30 30.88
C ASN A 138 7.34 -14.47 29.95
N CYS A 139 8.01 -14.57 28.81
CA CYS A 139 7.79 -15.67 27.87
C CYS A 139 8.51 -16.92 28.38
N THR A 140 7.82 -17.64 29.26
CA THR A 140 8.35 -18.91 29.74
C THR A 140 8.06 -20.01 28.72
N GLN A 141 8.86 -21.07 28.78
CA GLN A 141 8.61 -22.27 28.00
C GLN A 141 7.60 -23.20 28.65
N GLN A 142 6.94 -22.75 29.73
CA GLN A 142 6.01 -23.57 30.48
C GLN A 142 4.57 -23.37 30.02
N ARG A 143 4.04 -22.17 30.26
CA ARG A 143 2.64 -21.85 29.95
C ARG A 143 2.37 -22.03 28.47
N SER A 144 1.63 -23.08 28.11
CA SER A 144 1.37 -23.45 26.73
C SER A 144 0.14 -22.73 26.17
N GLY A 145 -0.99 -22.84 26.86
CA GLY A 145 -2.19 -22.10 26.49
C GLY A 145 -3.10 -22.86 25.54
N ASN A 146 -4.27 -22.28 25.33
CA ASN A 146 -5.28 -22.79 24.42
C ASN A 146 -5.90 -21.62 23.68
N TYR A 147 -6.07 -21.76 22.36
CA TYR A 147 -6.37 -20.60 21.54
C TYR A 147 -7.68 -20.79 20.77
N PRO A 148 -8.37 -19.69 20.45
CA PRO A 148 -9.72 -19.81 19.87
C PRO A 148 -9.69 -20.24 18.41
N VAL A 149 -10.87 -20.65 17.95
CA VAL A 149 -11.08 -21.00 16.55
C VAL A 149 -11.58 -19.75 15.83
N LEU A 150 -10.88 -19.36 14.76
CA LEU A 150 -11.15 -18.10 14.07
C LEU A 150 -11.65 -18.38 12.66
N SER A 151 -12.58 -17.53 12.21
CA SER A 151 -13.14 -17.61 10.87
C SER A 151 -12.43 -16.65 9.92
N ALA A 152 -12.66 -16.85 8.62
CA ALA A 152 -12.06 -15.97 7.63
C ALA A 152 -12.65 -14.57 7.68
N ASP A 153 -13.89 -14.44 8.14
CA ASP A 153 -14.56 -13.15 8.23
C ASP A 153 -14.38 -12.47 9.58
N ASP A 154 -13.63 -13.06 10.49
CA ASP A 154 -13.33 -12.42 11.76
C ASP A 154 -12.37 -11.25 11.54
N PRO A 155 -12.50 -10.18 12.31
CA PRO A 155 -11.62 -9.02 12.13
C PRO A 155 -10.18 -9.34 12.51
N ALA A 156 -9.25 -8.79 11.74
CA ALA A 156 -7.83 -9.02 11.95
C ALA A 156 -7.09 -7.77 12.39
N LEU A 157 -7.23 -6.66 11.67
CA LEU A 157 -6.48 -5.45 11.99
C LEU A 157 -7.28 -4.23 11.56
N ILE A 158 -6.83 -3.07 12.02
CA ILE A 158 -7.45 -1.78 11.72
C ILE A 158 -6.40 -0.86 11.13
N LEU A 159 -6.74 -0.19 10.03
CA LEU A 159 -5.84 0.73 9.35
C LEU A 159 -6.55 2.06 9.12
N MET A 160 -5.77 3.07 8.76
CA MET A 160 -6.25 4.42 8.58
C MET A 160 -6.01 4.89 7.14
N THR A 161 -6.83 5.84 6.70
CA THR A 161 -6.66 6.46 5.41
C THR A 161 -7.17 7.90 5.47
N SER A 162 -6.58 8.77 4.65
CA SER A 162 -6.85 10.20 4.73
C SER A 162 -8.21 10.53 4.13
N PRO A 168 -8.53 11.31 9.66
CA PRO A 168 -8.32 9.88 9.42
C PRO A 168 -9.60 9.06 9.37
N LYS A 169 -9.77 8.26 8.31
CA LYS A 169 -10.83 7.28 8.24
C LYS A 169 -10.34 5.98 8.86
N SER A 170 -11.18 5.38 9.70
CA SER A 170 -10.85 4.12 10.37
C SER A 170 -11.43 2.96 9.56
N VAL A 171 -10.57 2.04 9.13
CA VAL A 171 -10.96 0.93 8.28
C VAL A 171 -10.71 -0.37 9.04
N LEU A 172 -11.65 -1.31 8.91
CA LEU A 172 -11.58 -2.61 9.58
C LEU A 172 -11.30 -3.70 8.55
N ILE A 173 -10.23 -4.46 8.77
CA ILE A 173 -9.77 -5.48 7.84
C ILE A 173 -9.99 -6.85 8.47
N ALA A 174 -10.51 -7.78 7.67
CA ALA A 174 -10.76 -9.14 8.11
C ALA A 174 -9.56 -10.04 7.85
N HIS A 175 -9.60 -11.25 8.42
CA HIS A 175 -8.52 -12.21 8.22
C HIS A 175 -8.36 -12.57 6.75
N ARG A 176 -9.47 -12.75 6.05
CA ARG A 176 -9.41 -13.13 4.63
C ARG A 176 -8.70 -12.08 3.79
N GLY A 177 -8.73 -10.81 4.22
CA GLY A 177 -8.12 -9.75 3.44
C GLY A 177 -6.62 -9.90 3.30
N ILE A 178 -5.96 -10.38 4.35
CA ILE A 178 -4.52 -10.63 4.30
C ILE A 178 -4.18 -12.10 4.12
N ALA A 179 -5.11 -13.01 4.45
CA ALA A 179 -4.85 -14.43 4.25
C ALA A 179 -4.84 -14.82 2.77
N ARG A 180 -5.48 -14.02 1.91
CA ARG A 180 -5.42 -14.28 0.48
C ARG A 180 -4.01 -14.13 -0.07
N LEU A 181 -3.14 -13.37 0.62
CA LEU A 181 -1.77 -13.21 0.17
C LEU A 181 -0.98 -14.50 0.27
N GLY A 182 -1.45 -15.48 1.04
CA GLY A 182 -0.84 -16.79 1.09
C GLY A 182 -1.01 -17.61 -0.17
N LEU A 183 -1.75 -17.11 -1.16
CA LEU A 183 -1.94 -17.79 -2.43
C LEU A 183 -0.92 -17.26 -3.44
N PRO A 184 -0.24 -18.14 -4.18
CA PRO A 184 0.71 -17.67 -5.19
C PRO A 184 0.01 -16.88 -6.29
N VAL A 185 0.64 -15.77 -6.68
CA VAL A 185 0.12 -14.93 -7.75
C VAL A 185 0.68 -15.42 -9.08
N PRO A 186 -0.17 -15.71 -10.07
CA PRO A 186 0.34 -16.26 -11.33
C PRO A 186 1.30 -15.33 -12.06
N ALA A 187 1.09 -14.02 -11.99
CA ALA A 187 1.98 -13.09 -12.68
C ALA A 187 3.33 -12.93 -11.98
N LEU A 188 3.38 -13.17 -10.67
CA LEU A 188 4.62 -13.06 -9.93
C LEU A 188 5.38 -14.37 -9.84
N GLY A 189 4.67 -15.50 -9.81
CA GLY A 189 5.34 -16.79 -9.68
C GLY A 189 6.04 -16.98 -8.35
N ASN A 190 5.53 -16.36 -7.29
CA ASN A 190 6.18 -16.45 -6.00
C ASN A 190 5.98 -17.83 -5.38
N SER A 191 6.86 -18.16 -4.43
CA SER A 191 6.82 -19.44 -3.73
C SER A 191 7.60 -19.28 -2.43
N GLU A 192 7.87 -20.41 -1.77
CA GLU A 192 8.66 -20.39 -0.55
C GLU A 192 10.14 -20.12 -0.80
N ARG A 193 10.57 -20.12 -2.08
CA ARG A 193 11.95 -19.84 -2.42
C ARG A 193 12.28 -18.36 -2.38
N ASP A 194 11.28 -17.48 -2.36
CA ASP A 194 11.48 -16.06 -2.57
C ASP A 194 11.91 -15.37 -1.27
N CYS A 195 12.18 -14.07 -1.38
CA CYS A 195 12.61 -13.25 -0.25
C CYS A 195 12.05 -11.85 -0.42
N TYR A 196 11.42 -11.32 0.62
CA TYR A 196 10.77 -10.02 0.58
C TYR A 196 11.51 -9.04 1.48
N LEU A 197 11.45 -7.76 1.10
CA LEU A 197 12.09 -6.67 1.87
C LEU A 197 10.98 -5.87 2.55
N GLN A 198 10.96 -5.85 3.88
CA GLN A 198 9.92 -5.13 4.64
C GLN A 198 10.38 -3.69 4.87
N ILE A 199 10.03 -2.78 3.96
CA ILE A 199 10.43 -1.35 4.08
C ILE A 199 9.19 -0.46 4.26
N ALA A 200 8.00 -0.96 3.90
CA ALA A 200 6.81 -0.12 4.03
C ALA A 200 6.43 0.06 5.49
N ASP A 201 5.75 1.18 5.76
CA ASP A 201 5.28 1.47 7.11
C ASP A 201 4.19 0.49 7.51
N ILE A 202 4.24 0.04 8.76
CA ILE A 202 3.26 -0.93 9.24
C ILE A 202 1.87 -0.32 9.34
N SER A 203 1.78 0.98 9.66
CA SER A 203 0.49 1.65 9.68
C SER A 203 -0.07 1.87 8.29
N PHE A 204 0.68 1.55 7.25
CA PHE A 204 0.28 1.71 5.86
C PHE A 204 0.01 0.35 5.26
N ALA A 205 -1.10 0.23 4.52
CA ALA A 205 -1.57 -1.08 4.07
C ALA A 205 -0.61 -1.77 3.11
N ALA A 206 0.34 -1.03 2.53
CA ALA A 206 1.28 -1.66 1.60
C ALA A 206 2.27 -2.58 2.31
N SER A 207 2.38 -2.48 3.64
CA SER A 207 3.27 -3.37 4.37
C SER A 207 2.71 -4.79 4.43
N ALA A 208 1.42 -4.98 4.18
CA ALA A 208 0.86 -6.32 4.14
C ALA A 208 1.38 -7.11 2.94
N ASN A 209 1.69 -6.41 1.84
CA ASN A 209 2.27 -7.09 0.68
C ASN A 209 3.58 -7.76 1.02
N GLU A 210 4.37 -7.15 1.91
CA GLU A 210 5.67 -7.68 2.28
C GLU A 210 5.59 -8.64 3.45
N ILE A 211 4.81 -8.31 4.47
CA ILE A 211 4.78 -9.11 5.69
C ILE A 211 4.10 -10.45 5.44
N TRP A 212 2.93 -10.43 4.79
CA TRP A 212 2.07 -11.59 4.75
C TRP A 212 2.23 -12.45 3.49
N MET A 213 2.73 -11.88 2.39
CA MET A 213 3.07 -12.73 1.26
C MET A 213 4.30 -13.59 1.55
N ALA A 214 5.06 -13.26 2.58
CA ALA A 214 6.26 -14.03 2.94
C ALA A 214 5.95 -15.05 4.03
N LEU A 215 5.37 -14.60 5.14
CA LEU A 215 5.18 -15.49 6.29
C LEU A 215 4.08 -16.51 6.07
N LEU A 216 3.22 -16.32 5.07
CA LEU A 216 2.14 -17.25 4.79
C LEU A 216 2.42 -18.14 3.59
N THR A 217 3.58 -18.02 2.96
CA THR A 217 3.95 -18.86 1.84
C THR A 217 5.25 -19.62 2.06
N GLY A 218 5.85 -19.52 3.25
CA GLY A 218 7.13 -20.15 3.51
C GLY A 218 8.33 -19.36 3.05
N ALA A 219 8.12 -18.17 2.47
CA ALA A 219 9.21 -17.35 1.98
C ALA A 219 9.91 -16.65 3.14
N CYS A 220 10.92 -15.84 2.80
CA CYS A 220 11.72 -15.13 3.79
C CYS A 220 11.41 -13.63 3.74
N LEU A 221 11.45 -13.01 4.91
CA LEU A 221 11.17 -11.58 5.06
C LEU A 221 12.39 -10.89 5.64
N THR A 222 12.98 -9.99 4.85
CA THR A 222 14.14 -9.22 5.27
C THR A 222 13.66 -7.94 5.94
N ILE A 223 14.09 -7.72 7.18
CA ILE A 223 13.62 -6.59 7.98
C ILE A 223 14.61 -5.43 7.81
N ALA A 224 14.13 -4.34 7.23
CA ALA A 224 14.95 -3.15 7.06
C ALA A 224 15.28 -2.53 8.42
N PRO A 225 16.33 -1.72 8.49
CA PRO A 225 16.65 -1.05 9.76
C PRO A 225 15.53 -0.13 10.18
N PRO A 226 15.34 0.06 11.48
CA PRO A 226 14.30 0.98 11.95
C PRO A 226 14.67 2.43 11.65
N GLY A 227 13.69 3.31 11.83
CA GLY A 227 13.88 4.70 11.51
C GLY A 227 13.79 4.97 10.03
N LEU A 228 14.67 5.83 9.50
CA LEU A 228 14.70 6.18 8.09
C LEU A 228 16.03 5.78 7.49
N PRO A 229 16.16 4.54 7.01
CA PRO A 229 17.37 4.17 6.26
C PRO A 229 17.37 4.83 4.89
N ASP A 230 18.56 5.22 4.43
CA ASP A 230 18.68 5.91 3.16
C ASP A 230 18.65 4.90 2.00
N LEU A 231 18.82 5.43 0.79
CA LEU A 231 18.61 4.60 -0.41
C LEU A 231 19.67 3.51 -0.53
N MET A 232 20.94 3.87 -0.36
CA MET A 232 22.00 2.88 -0.54
C MET A 232 21.99 1.85 0.58
N ALA A 233 21.49 2.21 1.77
CA ALA A 233 21.32 1.22 2.83
C ALA A 233 20.33 0.14 2.42
N LEU A 234 19.31 0.50 1.64
CA LEU A 234 18.40 -0.49 1.09
C LEU A 234 18.99 -1.20 -0.11
N ALA A 235 19.78 -0.49 -0.92
CA ALA A 235 20.40 -1.11 -2.08
C ALA A 235 21.39 -2.20 -1.68
N ARG A 236 22.18 -1.94 -0.64
CA ARG A 236 23.10 -2.97 -0.16
C ARG A 236 22.35 -4.15 0.44
N GLN A 237 21.20 -3.89 1.08
CA GLN A 237 20.46 -4.97 1.73
C GLN A 237 19.75 -5.86 0.72
N ILE A 238 19.22 -5.27 -0.36
CA ILE A 238 18.61 -6.06 -1.42
C ILE A 238 19.64 -6.98 -2.05
N GLU A 239 20.88 -6.52 -2.17
CA GLU A 239 21.95 -7.33 -2.74
C GLU A 239 22.51 -8.32 -1.73
N SER A 240 22.54 -7.96 -0.45
CA SER A 240 23.15 -8.82 0.56
C SER A 240 22.29 -10.04 0.85
N ASP A 241 20.99 -9.82 1.08
CA ASP A 241 20.09 -10.90 1.47
C ASP A 241 19.30 -11.46 0.31
N ASN A 242 19.63 -11.06 -0.93
CA ASN A 242 19.06 -11.64 -2.15
C ASN A 242 17.54 -11.53 -2.16
N VAL A 243 17.07 -10.28 -2.13
CA VAL A 243 15.63 -10.03 -2.24
C VAL A 243 15.19 -10.33 -3.66
N THR A 244 14.10 -11.09 -3.80
CA THR A 244 13.55 -11.45 -5.10
C THR A 244 12.23 -10.76 -5.41
N MET A 245 11.48 -10.34 -4.40
CA MET A 245 10.21 -9.64 -4.57
C MET A 245 10.31 -8.29 -3.88
N LEU A 246 10.26 -7.21 -4.65
CA LEU A 246 10.49 -5.87 -4.15
C LEU A 246 9.24 -5.03 -4.40
N PHE A 247 8.58 -4.62 -3.33
CA PHE A 247 7.44 -3.71 -3.39
C PHE A 247 7.91 -2.30 -3.10
N LEU A 248 7.70 -1.39 -4.04
CA LEU A 248 8.13 -0.01 -3.90
C LEU A 248 6.95 0.94 -4.09
N SER A 249 7.07 2.12 -3.47
CA SER A 249 6.12 3.19 -3.67
C SER A 249 6.54 4.06 -4.85
N GLY A 250 5.69 5.02 -5.20
CA GLY A 250 5.97 5.87 -6.34
C GLY A 250 7.24 6.69 -6.18
N GLY A 251 7.44 7.27 -5.02
CA GLY A 251 8.61 8.10 -4.78
C GLY A 251 9.88 7.30 -4.60
N LEU A 252 9.79 6.17 -3.90
CA LEU A 252 10.96 5.32 -3.71
C LEU A 252 11.41 4.72 -5.04
N PHE A 253 10.46 4.33 -5.89
CA PHE A 253 10.80 3.85 -7.23
C PHE A 253 11.42 4.96 -8.07
N ARG A 254 10.95 6.20 -7.89
CA ARG A 254 11.52 7.33 -8.62
C ARG A 254 12.98 7.55 -8.24
N LEU A 255 13.31 7.36 -6.95
CA LEU A 255 14.68 7.57 -6.50
C LEU A 255 15.62 6.50 -7.03
N PHE A 256 15.16 5.24 -7.05
CA PHE A 256 16.02 4.15 -7.50
C PHE A 256 16.41 4.30 -8.96
N VAL A 257 15.47 4.72 -9.81
CA VAL A 257 15.78 4.88 -11.22
C VAL A 257 16.77 6.02 -11.43
N GLU A 258 16.64 7.09 -10.65
CA GLU A 258 17.55 8.23 -10.81
C GLU A 258 18.96 7.90 -10.32
N VAL A 259 19.06 7.17 -9.20
CA VAL A 259 20.33 7.01 -8.51
C VAL A 259 21.02 5.71 -8.94
N SER A 260 20.41 4.57 -8.60
CA SER A 260 21.00 3.24 -8.85
C SER A 260 19.93 2.34 -9.45
N VAL A 261 19.67 2.51 -10.74
CA VAL A 261 18.69 1.69 -11.43
C VAL A 261 19.15 0.24 -11.57
N GLU A 262 20.46 0.00 -11.50
CA GLU A 262 20.97 -1.37 -11.62
C GLU A 262 20.52 -2.23 -10.44
N THR A 263 20.27 -1.63 -9.28
CA THR A 263 19.86 -2.40 -8.11
C THR A 263 18.41 -2.88 -8.20
N LEU A 264 17.63 -2.36 -9.15
CA LEU A 264 16.24 -2.79 -9.32
C LEU A 264 16.11 -4.10 -10.07
N HIS A 265 17.20 -4.62 -10.64
CA HIS A 265 17.16 -5.88 -11.38
C HIS A 265 17.87 -7.01 -10.64
N ILE A 266 18.15 -6.82 -9.36
CA ILE A 266 18.59 -7.91 -8.49
C ILE A 266 17.40 -8.81 -8.17
N PRO A 267 16.23 -8.29 -7.79
CA PRO A 267 15.06 -9.16 -7.61
C PRO A 267 14.51 -9.62 -8.95
N ASP A 268 13.58 -10.57 -8.87
CA ASP A 268 12.92 -11.07 -10.07
C ASP A 268 11.71 -10.23 -10.45
N CYS A 269 11.00 -9.67 -9.47
CA CYS A 269 9.82 -8.86 -9.71
C CYS A 269 9.89 -7.59 -8.87
N VAL A 270 9.59 -6.46 -9.49
CA VAL A 270 9.52 -5.16 -8.83
C VAL A 270 8.13 -4.59 -9.06
N VAL A 271 7.44 -4.27 -7.97
CA VAL A 271 6.04 -3.83 -8.03
C VAL A 271 5.97 -2.39 -7.56
N VAL A 272 5.62 -1.49 -8.47
CA VAL A 272 5.42 -0.08 -8.16
C VAL A 272 3.93 0.16 -7.94
N SER A 273 3.60 0.79 -6.81
CA SER A 273 2.21 0.96 -6.43
C SER A 273 2.06 2.20 -5.56
N GLY A 274 0.83 2.71 -5.50
CA GLY A 274 0.46 3.77 -4.58
C GLY A 274 0.08 5.08 -5.24
N ASP A 275 0.63 5.36 -6.42
CA ASP A 275 0.42 6.67 -7.02
C ASP A 275 0.77 6.59 -8.50
N PHE A 276 0.38 7.63 -9.23
CA PHE A 276 0.77 7.76 -10.63
C PHE A 276 2.26 8.11 -10.71
N VAL A 277 2.90 7.61 -11.78
CA VAL A 277 4.34 7.75 -11.97
C VAL A 277 4.60 8.07 -13.43
N ASN A 278 5.60 8.92 -13.68
CA ASN A 278 5.99 9.27 -15.04
C ASN A 278 6.27 7.99 -15.84
N PRO A 279 5.66 7.83 -17.02
CA PRO A 279 5.86 6.58 -17.77
C PRO A 279 7.30 6.35 -18.23
N ARG A 280 8.09 7.41 -18.42
CA ARG A 280 9.45 7.24 -18.87
C ARG A 280 10.36 6.67 -17.79
N LEU A 281 9.93 6.69 -16.53
CA LEU A 281 10.66 5.99 -15.49
C LEU A 281 10.57 4.48 -15.67
N PHE A 282 9.39 3.98 -16.04
CA PHE A 282 9.25 2.56 -16.37
C PHE A 282 10.05 2.18 -17.61
N SER A 283 10.17 3.11 -18.57
CA SER A 283 10.92 2.82 -19.79
C SER A 283 12.39 2.60 -19.49
N VAL A 284 12.97 3.46 -18.65
CA VAL A 284 14.38 3.29 -18.28
C VAL A 284 14.55 2.07 -17.38
N ALA A 285 13.56 1.79 -16.53
CA ALA A 285 13.67 0.65 -15.61
C ALA A 285 13.65 -0.67 -16.36
N VAL A 286 12.78 -0.80 -17.37
CA VAL A 286 12.69 -2.06 -18.11
C VAL A 286 13.89 -2.26 -19.01
N GLN A 287 14.43 -1.18 -19.57
CA GLN A 287 15.61 -1.28 -20.43
C GLN A 287 16.88 -1.59 -19.63
N ALA A 288 16.88 -1.37 -18.32
CA ALA A 288 18.08 -1.54 -17.52
C ALA A 288 18.37 -2.98 -17.15
N GLY A 289 17.49 -3.91 -17.48
CA GLY A 289 17.73 -5.30 -17.14
C GLY A 289 16.55 -6.16 -17.52
N LYS A 290 16.54 -7.38 -16.99
CA LYS A 290 15.54 -8.39 -17.33
C LYS A 290 14.68 -8.78 -16.13
N ALA A 291 14.50 -7.86 -15.19
CA ALA A 291 13.58 -8.08 -14.07
C ALA A 291 12.19 -7.62 -14.48
N LYS A 292 11.17 -8.37 -14.02
CA LYS A 292 9.79 -8.04 -14.36
C LYS A 292 9.34 -6.83 -13.57
N ILE A 293 9.01 -5.75 -14.27
CA ILE A 293 8.54 -4.51 -13.65
C ILE A 293 7.03 -4.48 -13.73
N PHE A 294 6.39 -4.13 -12.60
CA PHE A 294 4.94 -4.11 -12.52
C PHE A 294 4.44 -2.76 -12.02
N ASN A 295 3.35 -2.28 -12.63
CA ASN A 295 2.52 -1.26 -12.03
C ASN A 295 1.29 -1.94 -11.44
N GLY A 296 0.89 -1.50 -10.25
CA GLY A 296 -0.21 -2.16 -9.57
C GLY A 296 -1.04 -1.20 -8.76
N LEU A 297 -2.27 -1.63 -8.46
CA LEU A 297 -3.19 -0.85 -7.65
C LEU A 297 -3.27 -1.47 -6.27
N GLY A 298 -3.00 -0.68 -5.25
CA GLY A 298 -3.22 -1.06 -3.86
C GLY A 298 -4.25 -0.13 -3.25
N CYS A 299 -5.11 -0.69 -2.41
CA CYS A 299 -6.20 0.06 -1.80
C CYS A 299 -6.35 -0.37 -0.35
N THR A 300 -6.43 0.61 0.56
CA THR A 300 -6.59 0.29 1.97
C THR A 300 -7.87 -0.52 2.21
N GLU A 301 -8.97 -0.10 1.57
CA GLU A 301 -10.24 -0.78 1.75
C GLU A 301 -10.28 -2.15 1.10
N ASN A 302 -9.26 -2.53 0.32
CA ASN A 302 -9.12 -3.89 -0.18
C ASN A 302 -7.91 -4.58 0.43
N SER A 303 -7.53 -4.17 1.65
CA SER A 303 -6.56 -4.85 2.50
C SER A 303 -5.11 -4.71 2.04
N ALA A 304 -4.83 -5.00 0.77
CA ALA A 304 -3.43 -5.03 0.34
C ALA A 304 -3.37 -4.78 -1.17
N ILE A 305 -2.26 -5.19 -1.80
CA ILE A 305 -2.12 -5.07 -3.24
C ILE A 305 -3.24 -5.82 -3.93
N SER A 306 -3.73 -5.27 -5.04
CA SER A 306 -4.96 -5.77 -5.63
C SER A 306 -4.82 -6.17 -7.10
N SER A 307 -4.00 -5.44 -7.87
CA SER A 307 -3.85 -5.72 -9.29
C SER A 307 -2.39 -5.51 -9.69
N LEU A 308 -2.05 -5.99 -10.88
CA LEU A 308 -0.70 -5.90 -11.43
C LEU A 308 -0.77 -5.78 -12.94
N TYR A 309 0.05 -4.88 -13.49
CA TYR A 309 0.25 -4.79 -14.93
C TYR A 309 1.75 -4.91 -15.20
N HIS A 310 2.13 -5.94 -15.95
CA HIS A 310 3.52 -6.16 -16.29
C HIS A 310 3.89 -5.29 -17.50
N ILE A 311 4.77 -4.32 -17.29
CA ILE A 311 5.28 -3.50 -18.38
C ILE A 311 6.14 -4.40 -19.26
N GLN A 312 5.58 -4.83 -20.40
CA GLN A 312 6.26 -5.80 -21.25
C GLN A 312 7.55 -5.23 -21.83
N SER A 313 7.50 -4.04 -22.38
CA SER A 313 8.66 -3.40 -22.98
C SER A 313 8.41 -1.90 -23.08
N ALA A 314 9.47 -1.17 -23.43
CA ALA A 314 9.36 0.27 -23.58
C ALA A 314 8.43 0.66 -24.72
N ALA A 315 8.22 -0.23 -25.70
CA ALA A 315 7.27 0.05 -26.77
C ALA A 315 5.83 0.08 -26.27
N ALA A 316 5.56 -0.48 -25.09
CA ALA A 316 4.21 -0.45 -24.54
C ALA A 316 3.90 0.89 -23.88
N LEU A 317 4.90 1.61 -23.42
CA LEU A 317 4.69 2.93 -22.84
C LEU A 317 4.16 3.87 -23.92
N SER A 318 2.93 4.36 -23.72
CA SER A 318 2.24 5.15 -24.72
C SER A 318 1.87 6.52 -24.16
N SER A 319 1.35 7.36 -25.05
CA SER A 319 0.89 8.69 -24.70
C SER A 319 -0.61 8.65 -24.40
N GLU A 320 -1.24 9.82 -24.32
CA GLU A 320 -2.67 9.98 -24.16
C GLU A 320 -3.20 9.41 -22.84
N SER A 321 -2.73 8.22 -22.45
CA SER A 321 -3.21 7.55 -21.25
C SER A 321 -2.03 7.01 -20.46
N PRO A 322 -2.12 7.01 -19.12
CA PRO A 322 -1.01 6.51 -18.30
C PRO A 322 -0.88 4.99 -18.33
N VAL A 323 0.01 4.46 -17.50
CA VAL A 323 0.28 3.01 -17.47
C VAL A 323 -0.88 2.30 -16.77
N PRO A 324 -1.37 1.18 -17.30
CA PRO A 324 -2.48 0.48 -16.65
C PRO A 324 -2.06 -0.11 -15.31
N VAL A 325 -3.07 -0.47 -14.51
CA VAL A 325 -2.85 -1.20 -13.27
C VAL A 325 -3.12 -2.69 -13.42
N GLY A 326 -3.62 -3.14 -14.57
CA GLY A 326 -3.65 -4.55 -14.89
C GLY A 326 -4.92 -5.30 -14.49
N THR A 327 -4.73 -6.52 -14.00
CA THR A 327 -5.79 -7.47 -13.73
C THR A 327 -5.72 -7.94 -12.28
N PRO A 328 -6.82 -8.40 -11.72
CA PRO A 328 -6.85 -8.67 -10.27
C PRO A 328 -5.96 -9.82 -9.85
N LEU A 329 -5.66 -9.83 -8.56
CA LEU A 329 -4.89 -10.89 -7.91
C LEU A 329 -5.83 -12.07 -7.65
N PRO A 330 -5.29 -13.19 -7.13
CA PRO A 330 -6.18 -14.31 -6.77
C PRO A 330 -7.28 -13.90 -5.80
N LEU A 331 -8.48 -14.44 -6.03
CA LEU A 331 -9.65 -14.22 -5.19
C LEU A 331 -10.02 -12.74 -5.10
N VAL A 332 -9.69 -11.96 -6.13
CA VAL A 332 -10.02 -10.55 -6.20
C VAL A 332 -10.74 -10.30 -7.52
N GLU A 333 -11.77 -9.45 -7.49
CA GLU A 333 -12.50 -9.07 -8.69
C GLU A 333 -12.59 -7.56 -8.76
N MET A 334 -12.24 -6.99 -9.91
CA MET A 334 -12.31 -5.56 -10.14
C MET A 334 -13.04 -5.30 -11.45
N VAL A 335 -13.90 -4.29 -11.45
CA VAL A 335 -14.73 -3.98 -12.61
C VAL A 335 -15.03 -2.48 -12.60
N VAL A 336 -15.10 -1.90 -13.79
CA VAL A 336 -15.40 -0.48 -13.96
C VAL A 336 -16.86 -0.35 -14.37
N PHE A 337 -17.65 0.33 -13.54
CA PHE A 337 -19.05 0.61 -13.83
C PHE A 337 -19.21 2.04 -14.33
N ASN A 338 -20.18 2.24 -15.21
CA ASN A 338 -20.45 3.57 -15.75
C ASN A 338 -21.50 4.28 -14.91
N GLU A 339 -22.33 5.11 -15.55
CA GLU A 339 -23.41 5.79 -14.85
C GLU A 339 -24.51 4.83 -14.42
N ARG A 340 -24.46 3.57 -14.85
CA ARG A 340 -25.30 2.53 -14.31
C ARG A 340 -24.48 1.27 -14.14
N LEU A 341 -24.99 0.34 -13.32
CA LEU A 341 -24.21 -0.81 -12.86
C LEU A 341 -24.09 -1.83 -13.99
N GLN A 342 -23.13 -1.59 -14.88
CA GLN A 342 -22.80 -2.53 -15.94
C GLN A 342 -21.41 -2.25 -16.43
N PRO A 343 -20.61 -3.27 -16.77
CA PRO A 343 -19.22 -3.03 -17.17
C PRO A 343 -19.11 -2.10 -18.36
N CYS A 344 -18.04 -1.29 -18.35
CA CYS A 344 -17.78 -0.36 -19.43
C CYS A 344 -17.06 -1.06 -20.58
N THR A 345 -17.20 -0.48 -21.77
CA THR A 345 -16.48 -0.97 -22.94
C THR A 345 -15.07 -0.39 -22.94
N CYS A 346 -14.31 -0.64 -24.01
CA CYS A 346 -12.98 -0.08 -24.12
C CYS A 346 -13.06 1.42 -24.32
N GLY A 347 -12.26 2.17 -23.55
CA GLY A 347 -12.23 3.61 -23.62
C GLY A 347 -13.32 4.29 -22.80
N GLU A 348 -14.43 3.61 -22.56
CA GLU A 348 -15.50 4.19 -21.77
C GLU A 348 -15.03 4.41 -20.33
N TYR A 349 -15.22 5.62 -19.82
CA TYR A 349 -14.77 5.97 -18.49
C TYR A 349 -15.87 5.76 -17.47
N GLY A 350 -15.50 5.17 -16.33
CA GLY A 350 -16.42 4.96 -15.24
C GLY A 350 -15.69 4.94 -13.91
N GLU A 351 -16.26 4.30 -12.90
CA GLU A 351 -15.64 4.21 -11.58
C GLU A 351 -15.29 2.76 -11.27
N LEU A 352 -14.21 2.58 -10.54
CA LEU A 352 -13.65 1.26 -10.24
C LEU A 352 -14.32 0.70 -8.98
N PHE A 353 -14.93 -0.47 -9.12
CA PHE A 353 -15.51 -1.20 -7.99
C PHE A 353 -14.69 -2.47 -7.76
N ILE A 354 -14.50 -2.83 -6.50
CA ILE A 354 -13.66 -3.96 -6.12
C ILE A 354 -14.44 -4.89 -5.22
N ALA A 355 -14.38 -6.19 -5.51
CA ALA A 355 -14.99 -7.22 -4.68
C ALA A 355 -14.03 -8.39 -4.55
N GLY A 356 -14.27 -9.22 -3.54
CA GLY A 356 -13.46 -10.40 -3.32
C GLY A 356 -13.06 -10.52 -1.87
N ALA A 357 -12.05 -11.37 -1.62
CA ALA A 357 -11.62 -11.66 -0.26
C ALA A 357 -10.93 -10.47 0.40
N GLY A 358 -10.49 -9.49 -0.39
CA GLY A 358 -9.80 -8.34 0.16
C GLY A 358 -10.66 -7.22 0.70
N VAL A 359 -11.95 -7.21 0.36
CA VAL A 359 -12.82 -6.10 0.77
C VAL A 359 -12.88 -6.01 2.27
N ALA A 360 -12.71 -4.80 2.79
CA ALA A 360 -12.76 -4.56 4.22
C ALA A 360 -14.15 -4.83 4.78
N LEU A 361 -14.25 -4.88 6.10
CA LEU A 361 -15.53 -5.08 6.77
C LEU A 361 -16.34 -3.79 6.87
N GLY A 362 -15.71 -2.64 6.68
CA GLY A 362 -16.42 -1.37 6.72
C GLY A 362 -15.66 -0.27 7.46
N TYR A 363 -16.28 0.90 7.57
CA TYR A 363 -15.71 2.03 8.29
C TYR A 363 -16.26 2.06 9.71
N SER A 364 -15.73 2.99 10.51
CA SER A 364 -16.29 3.20 11.85
C SER A 364 -17.68 3.81 11.77
N ASP A 365 -17.97 4.56 10.72
CA ASP A 365 -19.29 5.14 10.53
C ASP A 365 -20.17 4.14 9.79
N PRO A 366 -21.25 3.64 10.39
CA PRO A 366 -22.12 2.70 9.68
C PRO A 366 -22.80 3.29 8.46
N GLN A 367 -22.98 4.62 8.42
CA GLN A 367 -23.59 5.24 7.25
C GLN A 367 -22.57 5.47 6.14
N LEU A 368 -21.38 5.96 6.49
CA LEU A 368 -20.31 6.06 5.49
C LEU A 368 -19.95 4.70 4.93
N THR A 369 -20.12 3.64 5.73
CA THR A 369 -19.94 2.27 5.23
C THR A 369 -20.94 1.96 4.12
N ALA A 370 -22.22 2.28 4.35
CA ALA A 370 -23.24 2.01 3.34
C ALA A 370 -23.10 2.92 2.12
N GLU A 371 -22.45 4.07 2.26
CA GLU A 371 -22.23 4.98 1.14
C GLU A 371 -21.04 4.57 0.27
N ARG A 372 -20.32 3.51 0.65
CA ARG A 372 -19.18 3.03 -0.12
C ARG A 372 -19.18 1.52 -0.37
N PHE A 373 -19.91 0.74 0.42
CA PHE A 373 -20.01 -0.70 0.23
C PHE A 373 -21.44 -1.06 -0.17
N ILE A 374 -21.60 -1.66 -1.35
CA ILE A 374 -22.90 -1.98 -1.91
C ILE A 374 -22.87 -3.41 -2.44
N THR A 375 -23.95 -4.15 -2.20
CA THR A 375 -24.11 -5.50 -2.73
C THR A 375 -24.79 -5.42 -4.08
N ILE A 376 -24.11 -5.93 -5.11
CA ILE A 376 -24.59 -5.85 -6.49
C ILE A 376 -24.60 -7.25 -7.10
N PRO A 377 -25.67 -7.67 -7.78
CA PRO A 377 -25.62 -8.93 -8.51
C PRO A 377 -24.71 -8.82 -9.73
N TYR A 378 -23.84 -9.82 -9.90
CA TYR A 378 -22.87 -9.80 -10.98
C TYR A 378 -22.47 -11.23 -11.29
N GLN A 379 -22.76 -11.69 -12.51
CA GLN A 379 -22.42 -13.04 -12.96
C GLN A 379 -23.11 -14.10 -12.10
N GLY A 380 -24.40 -13.90 -11.85
CA GLY A 380 -25.17 -14.87 -11.12
C GLY A 380 -24.83 -14.98 -9.65
N THR A 381 -24.32 -13.92 -9.04
CA THR A 381 -23.93 -13.94 -7.64
C THR A 381 -23.99 -12.53 -7.07
N ASP A 382 -24.68 -12.38 -5.95
CA ASP A 382 -24.65 -11.12 -5.21
C ASP A 382 -23.27 -10.95 -4.57
N MET A 383 -22.57 -9.89 -4.95
CA MET A 383 -21.22 -9.64 -4.46
C MET A 383 -21.14 -8.26 -3.81
N LEU A 384 -20.43 -8.20 -2.69
CA LEU A 384 -20.23 -6.94 -1.98
C LEU A 384 -19.10 -6.16 -2.63
N PHE A 385 -19.40 -4.98 -3.14
CA PHE A 385 -18.43 -4.14 -3.84
C PHE A 385 -18.06 -2.94 -3.00
N TYR A 386 -16.81 -2.50 -3.14
CA TYR A 386 -16.35 -1.24 -2.58
C TYR A 386 -16.09 -0.26 -3.71
N ARG A 387 -16.55 0.99 -3.52
CA ARG A 387 -16.37 2.03 -4.52
C ARG A 387 -15.08 2.80 -4.22
N THR A 388 -14.18 2.85 -5.20
CA THR A 388 -12.89 3.50 -5.02
C THR A 388 -12.95 5.01 -5.19
N ASP A 389 -13.96 5.52 -5.88
CA ASP A 389 -13.98 6.91 -6.34
C ASP A 389 -12.71 7.21 -7.13
N ASP A 390 -12.33 6.25 -7.97
CA ASP A 390 -11.27 6.40 -8.96
C ASP A 390 -11.91 6.26 -10.33
N ARG A 391 -11.85 7.31 -11.14
CA ARG A 391 -12.30 7.18 -12.52
C ARG A 391 -11.30 6.33 -13.27
N ALA A 392 -11.80 5.28 -13.93
CA ALA A 392 -10.96 4.32 -14.62
C ALA A 392 -11.60 3.93 -15.94
N THR A 393 -10.87 3.13 -16.71
CA THR A 393 -11.34 2.64 -18.00
C THR A 393 -10.56 1.36 -18.32
N TYR A 394 -10.74 0.86 -19.53
CA TYR A 394 -10.03 -0.31 -20.01
C TYR A 394 -9.20 0.05 -21.24
N ASP A 395 -8.17 -0.74 -21.49
CA ASP A 395 -7.45 -0.69 -22.75
C ASP A 395 -7.96 -1.81 -23.64
N GLN A 396 -7.32 -1.98 -24.80
CA GLN A 396 -7.81 -2.97 -25.77
C GLN A 396 -7.61 -4.41 -25.29
N ASP A 397 -6.88 -4.63 -24.19
CA ASP A 397 -6.66 -5.96 -23.64
C ASP A 397 -7.37 -6.15 -22.31
N ARG A 398 -8.35 -5.30 -22.00
CA ARG A 398 -9.10 -5.34 -20.74
C ARG A 398 -8.20 -5.15 -19.52
N ASN A 399 -7.11 -4.42 -19.68
CA ASN A 399 -6.32 -3.98 -18.53
C ASN A 399 -6.94 -2.72 -17.95
N ILE A 400 -7.09 -2.68 -16.63
CA ILE A 400 -7.71 -1.54 -15.97
C ILE A 400 -6.72 -0.38 -15.94
N VAL A 401 -7.19 0.81 -16.30
CA VAL A 401 -6.36 2.00 -16.38
C VAL A 401 -7.02 3.10 -15.56
N LEU A 402 -6.29 3.65 -14.60
CA LEU A 402 -6.79 4.76 -13.80
C LEU A 402 -6.55 6.07 -14.52
N VAL A 403 -7.44 7.03 -14.30
CA VAL A 403 -7.33 8.34 -14.95
C VAL A 403 -7.58 9.47 -13.96
N GLY A 404 -8.33 9.21 -12.90
CA GLY A 404 -8.69 10.27 -11.98
C GLY A 404 -9.03 9.74 -10.60
N ARG A 405 -9.57 10.64 -9.77
CA ARG A 405 -9.88 10.27 -8.39
C ARG A 405 -11.08 11.02 -7.82
N GLY A 406 -11.90 11.65 -8.64
CA GLY A 406 -13.11 12.31 -8.13
C GLY A 406 -12.93 13.68 -7.50
N ASN A 407 -11.97 13.81 -6.58
CA ASN A 407 -11.66 15.10 -5.98
C ASN A 407 -10.55 15.83 -6.73
N HIS A 408 -10.10 15.29 -7.85
CA HIS A 408 -9.12 15.96 -8.70
C HIS A 408 -9.81 16.54 -9.95
N ILE A 409 -10.81 17.38 -9.69
CA ILE A 409 -11.61 18.01 -10.74
C ILE A 409 -11.89 19.46 -10.34
N CYS A 410 -12.43 20.21 -11.28
CA CYS A 410 -12.86 21.59 -11.05
C CYS A 410 -13.63 22.08 -12.27
N LYS A 411 -14.53 23.02 -12.03
CA LYS A 411 -15.28 23.67 -13.11
C LYS A 411 -14.51 24.91 -13.58
N ILE A 412 -14.25 24.98 -14.88
CA ILE A 412 -13.60 26.15 -15.47
C ILE A 412 -14.64 26.93 -16.26
N ARG A 413 -14.78 26.62 -17.54
CA ARG A 413 -15.81 27.21 -18.39
C ARG A 413 -17.11 26.42 -18.32
N GLY A 414 -17.60 26.21 -17.09
CA GLY A 414 -18.79 25.42 -16.86
C GLY A 414 -18.58 23.92 -16.93
N PHE A 415 -17.50 23.46 -17.56
CA PHE A 415 -17.27 22.05 -17.80
C PHE A 415 -16.10 21.57 -16.95
N ARG A 416 -16.26 20.38 -16.38
CA ARG A 416 -15.21 19.72 -15.61
C ARG A 416 -13.94 19.54 -16.45
N ILE A 417 -12.81 19.45 -15.75
CA ILE A 417 -11.54 19.04 -16.32
C ILE A 417 -10.92 18.05 -15.35
N ASN A 418 -10.10 17.14 -15.88
CA ASN A 418 -9.43 16.13 -15.07
C ASN A 418 -8.03 16.61 -14.72
N ILE A 419 -7.78 16.80 -13.42
CA ILE A 419 -6.48 17.27 -12.97
C ILE A 419 -5.40 16.25 -13.30
N ALA A 420 -5.62 15.00 -12.92
CA ALA A 420 -4.63 13.96 -13.16
C ALA A 420 -4.43 13.66 -14.64
N GLY A 421 -5.41 14.00 -15.48
CA GLY A 421 -5.24 13.77 -16.91
C GLY A 421 -4.31 14.78 -17.55
N ILE A 422 -4.42 16.04 -17.16
CA ILE A 422 -3.50 17.06 -17.68
C ILE A 422 -2.09 16.83 -17.18
N GLU A 423 -1.94 16.29 -15.97
CA GLU A 423 -0.62 15.98 -15.44
C GLU A 423 0.08 14.93 -16.28
N HIS A 424 -0.67 13.93 -16.78
CA HIS A 424 -0.07 12.93 -17.64
C HIS A 424 0.34 13.52 -18.99
N LEU A 425 -0.52 14.38 -19.56
CA LEU A 425 -0.17 15.01 -20.83
C LEU A 425 1.04 15.93 -20.68
N LEU A 426 1.27 16.45 -19.48
CA LEU A 426 2.45 17.27 -19.24
C LEU A 426 3.70 16.42 -19.01
N ARG A 427 3.54 15.26 -18.35
CA ARG A 427 4.68 14.37 -18.16
C ARG A 427 5.14 13.73 -19.46
N LEU A 428 4.28 13.69 -20.48
CA LEU A 428 4.70 13.16 -21.78
C LEU A 428 5.72 14.05 -22.46
N HIS A 429 5.87 15.30 -22.01
CA HIS A 429 6.92 16.16 -22.52
C HIS A 429 8.26 15.66 -22.00
N HIS A 430 9.25 15.58 -22.90
CA HIS A 430 10.51 14.92 -22.56
C HIS A 430 11.28 15.68 -21.50
N ALA A 431 11.06 17.00 -21.39
CA ALA A 431 11.79 17.81 -20.43
C ALA A 431 11.18 17.77 -19.03
N VAL A 432 9.89 17.49 -18.92
CA VAL A 432 9.21 17.49 -17.62
C VAL A 432 9.50 16.18 -16.90
N GLU A 433 10.11 16.26 -15.72
CA GLU A 433 10.33 15.07 -14.90
C GLU A 433 9.05 14.68 -14.17
N ASP A 434 8.43 15.64 -13.48
CA ASP A 434 7.17 15.39 -12.79
C ASP A 434 6.47 16.73 -12.58
N VAL A 435 5.18 16.66 -12.26
CA VAL A 435 4.36 17.87 -12.20
C VAL A 435 3.16 17.61 -11.30
N LEU A 436 2.79 18.62 -10.50
CA LEU A 436 1.56 18.63 -9.75
C LEU A 436 0.76 19.88 -10.11
N ILE A 437 -0.57 19.75 -10.06
CA ILE A 437 -1.49 20.82 -10.41
C ILE A 437 -2.39 21.11 -9.22
N VAL A 438 -2.61 22.39 -8.94
CA VAL A 438 -3.34 22.85 -7.76
C VAL A 438 -4.50 23.73 -8.21
N VAL A 439 -5.68 23.49 -7.63
CA VAL A 439 -6.83 24.37 -7.83
C VAL A 439 -6.72 25.53 -6.85
N GLU A 440 -6.72 26.75 -7.38
CA GLU A 440 -6.57 27.95 -6.58
C GLU A 440 -7.82 28.81 -6.65
N GLU A 441 -8.01 29.63 -5.62
CA GLU A 441 -9.20 30.46 -5.47
C GLU A 441 -8.91 31.86 -5.99
N THR A 442 -9.67 32.28 -7.00
CA THR A 442 -9.62 33.63 -7.52
C THR A 442 -11.03 34.20 -7.58
N PRO A 443 -11.19 35.52 -7.52
CA PRO A 443 -12.54 36.09 -7.60
C PRO A 443 -13.20 35.91 -8.95
N PRO A 446 -12.17 29.92 -10.62
CA PRO A 446 -11.11 29.00 -10.19
C PRO A 446 -10.17 28.69 -11.34
N ARG A 447 -8.86 28.70 -11.04
CA ARG A 447 -7.84 28.49 -12.05
C ARG A 447 -6.92 27.34 -11.64
N LEU A 448 -5.96 27.03 -12.51
CA LEU A 448 -5.03 25.94 -12.28
C LEU A 448 -3.61 26.49 -12.15
N HIS A 449 -2.83 25.89 -11.25
CA HIS A 449 -1.43 26.23 -11.05
C HIS A 449 -0.62 24.94 -11.13
N ALA A 450 0.21 24.81 -12.16
CA ALA A 450 0.95 23.59 -12.44
C ALA A 450 2.42 23.80 -12.08
N CYS A 451 2.85 23.15 -11.00
CA CYS A 451 4.25 23.19 -10.58
C CYS A 451 4.99 22.03 -11.22
N TYR A 452 6.02 22.33 -12.01
CA TYR A 452 6.75 21.33 -12.77
C TYR A 452 8.17 21.19 -12.25
N VAL A 453 8.86 20.16 -12.74
CA VAL A 453 10.23 19.85 -12.35
C VAL A 453 11.01 19.52 -13.61
N THR A 454 12.17 20.15 -13.77
CA THR A 454 13.07 19.84 -14.88
C THR A 454 14.51 20.11 -14.44
N GLN A 455 15.44 19.46 -15.11
CA GLN A 455 16.85 19.59 -14.79
C GLN A 455 17.56 20.58 -15.72
N ASP A 457 18.67 22.80 -18.03
CA ASP A 457 17.98 23.00 -19.30
C ASP A 457 16.73 23.84 -19.10
N GLY A 458 16.89 25.16 -19.20
CA GLY A 458 15.79 26.06 -18.94
C GLY A 458 14.71 25.96 -20.01
N LEU A 459 13.48 25.72 -19.58
CA LEU A 459 12.33 25.65 -20.46
C LEU A 459 11.43 26.87 -20.24
N SER A 460 10.70 27.24 -21.28
CA SER A 460 9.72 28.31 -21.20
C SER A 460 8.35 27.72 -20.89
N VAL A 461 7.57 28.46 -20.08
CA VAL A 461 6.21 28.03 -19.80
C VAL A 461 5.35 28.04 -21.06
N ALA A 462 5.74 28.83 -22.06
CA ALA A 462 5.04 28.81 -23.34
C ALA A 462 5.30 27.50 -24.09
N ASP A 463 6.45 26.87 -23.86
CA ASP A 463 6.71 25.57 -24.47
C ASP A 463 5.77 24.51 -23.91
N LEU A 464 5.55 24.52 -22.59
CA LEU A 464 4.63 23.56 -21.98
C LEU A 464 3.19 23.83 -22.40
N LYS A 465 2.81 25.11 -22.49
CA LYS A 465 1.46 25.44 -22.94
C LYS A 465 1.26 25.10 -24.41
N ASN A 466 2.28 25.35 -25.23
CA ASN A 466 2.19 24.99 -26.64
C ASN A 466 2.15 23.47 -26.83
N HIS A 467 2.86 22.73 -25.96
CA HIS A 467 2.77 21.28 -25.99
C HIS A 467 1.39 20.80 -25.59
N LEU A 468 0.76 21.47 -24.62
CA LEU A 468 -0.57 21.08 -24.17
C LEU A 468 -1.62 21.29 -25.26
N ALA A 469 -1.50 22.38 -26.02
CA ALA A 469 -2.49 22.68 -27.05
C ALA A 469 -2.55 21.61 -28.12
N MET A 470 -1.47 20.86 -28.32
CA MET A 470 -1.47 19.76 -29.29
C MET A 470 -2.22 18.53 -28.78
N HIS A 471 -2.39 18.41 -27.46
CA HIS A 471 -3.07 17.26 -26.88
C HIS A 471 -4.27 17.63 -26.03
N ALA A 472 -4.60 18.92 -25.93
CA ALA A 472 -5.69 19.35 -25.06
C ALA A 472 -6.31 20.62 -25.62
N PRO A 473 -7.60 20.85 -25.38
CA PRO A 473 -8.22 22.12 -25.80
C PRO A 473 -7.65 23.29 -25.03
N ALA A 474 -7.99 24.50 -25.49
CA ALA A 474 -7.37 25.71 -24.96
C ALA A 474 -7.76 25.96 -23.50
N TRP A 475 -8.94 25.51 -23.07
CA TRP A 475 -9.39 25.75 -21.71
C TRP A 475 -8.93 24.68 -20.73
N MET A 476 -8.18 23.68 -21.19
CA MET A 476 -7.53 22.71 -20.31
C MET A 476 -6.05 23.03 -20.13
N ILE A 477 -5.68 24.30 -20.22
CA ILE A 477 -4.30 24.75 -20.07
C ILE A 477 -4.24 25.68 -18.86
N PRO A 478 -3.36 25.44 -17.91
CA PRO A 478 -3.31 26.29 -16.71
C PRO A 478 -2.83 27.70 -17.05
N GLU A 479 -3.11 28.62 -16.11
CA GLU A 479 -2.65 29.99 -16.28
C GLU A 479 -1.22 30.17 -15.80
N LYS A 480 -0.89 29.59 -14.65
CA LYS A 480 0.41 29.78 -14.01
C LYS A 480 1.20 28.47 -14.03
N PHE A 481 2.45 28.56 -14.47
CA PHE A 481 3.41 27.47 -14.37
C PHE A 481 4.58 27.93 -13.53
N SER A 482 4.89 27.15 -12.50
CA SER A 482 5.99 27.48 -11.56
C SER A 482 6.85 26.24 -11.34
N ARG A 483 8.14 26.39 -11.00
CA ARG A 483 9.11 25.25 -10.81
C ARG A 483 9.44 25.01 -9.34
N LEU A 484 9.44 23.73 -8.95
CA LEU A 484 9.76 23.30 -7.56
C LEU A 484 10.97 22.36 -7.62
N ALA A 485 12.06 22.76 -6.96
CA ALA A 485 13.31 21.95 -6.95
C ALA A 485 12.97 20.48 -6.73
N VAL A 486 11.81 20.20 -6.14
CA VAL A 486 11.34 18.85 -5.86
C VAL A 486 9.88 18.93 -5.47
N LEU A 487 9.13 17.87 -5.77
CA LEU A 487 7.76 17.77 -5.31
C LEU A 487 7.70 17.01 -3.98
N PRO A 488 6.92 17.49 -3.02
CA PRO A 488 6.94 16.89 -1.68
C PRO A 488 6.43 15.45 -1.69
N MET A 489 6.87 14.70 -0.68
CA MET A 489 6.52 13.30 -0.51
C MET A 489 5.89 13.09 0.86
N THR A 490 5.28 11.91 1.03
CA THR A 490 4.49 11.60 2.21
C THR A 490 5.14 10.54 3.11
N ALA A 491 6.43 10.24 2.90
CA ALA A 491 7.12 9.16 3.57
C ALA A 491 6.53 7.79 3.21
N ASN A 492 5.37 7.80 2.54
CA ASN A 492 4.85 6.61 1.87
C ASN A 492 4.99 6.70 0.36
N GLY A 493 5.93 7.53 -0.11
CA GLY A 493 6.40 7.48 -1.48
C GLY A 493 5.52 8.14 -2.52
N LYS A 494 4.53 8.93 -2.13
CA LYS A 494 3.64 9.53 -3.12
C LYS A 494 3.58 11.03 -2.95
N LYS A 495 3.17 11.71 -4.03
CA LYS A 495 3.14 13.16 -4.07
C LYS A 495 2.16 13.69 -3.02
N ASP A 496 2.61 14.69 -2.26
CA ASP A 496 1.80 15.33 -1.23
C ASP A 496 1.25 16.63 -1.81
N ARG A 497 0.03 16.56 -2.35
CA ARG A 497 -0.64 17.76 -2.81
C ARG A 497 -0.99 18.70 -1.66
N LEU A 498 -1.11 18.16 -0.44
CA LEU A 498 -1.40 18.99 0.72
C LEU A 498 -0.20 19.84 1.11
N ARG A 499 0.99 19.21 1.18
CA ARG A 499 2.20 19.95 1.53
C ARG A 499 2.55 20.98 0.47
N LEU A 500 2.26 20.69 -0.80
CA LEU A 500 2.53 21.66 -1.85
C LEU A 500 1.66 22.90 -1.71
N LYS A 501 0.38 22.72 -1.41
CA LYS A 501 -0.51 23.87 -1.22
C LYS A 501 -0.06 24.72 -0.05
N ASN A 502 0.27 24.09 1.08
CA ASN A 502 0.77 24.83 2.23
C ASN A 502 2.14 25.43 2.00
N SER A 503 2.91 24.88 1.05
CA SER A 503 4.18 25.48 0.67
C SER A 503 4.00 26.64 -0.30
N LEU A 504 2.90 26.67 -1.05
CA LEU A 504 2.59 27.77 -1.96
C LEU A 504 1.98 28.97 -1.24
N LEU A 505 1.80 28.90 0.07
CA LEU A 505 1.32 30.03 0.86
C LEU A 505 2.44 31.00 1.26
N GLU A 506 3.62 30.87 0.66
CA GLU A 506 4.76 31.72 1.00
C GLU A 506 4.49 33.17 0.61
#